data_6EHX
#
_entry.id   6EHX
#
_cell.length_a   81.559
_cell.length_b   81.559
_cell.length_c   116.395
_cell.angle_alpha   90.00
_cell.angle_beta   90.00
_cell.angle_gamma   90.00
#
_symmetry.space_group_name_H-M   'P 41 2 2'
#
loop_
_entity.id
_entity.type
_entity.pdbx_description
1 polymer 'scFv AbVance: increasing our knowledge of antibody structural space to enable faster and better decision making in drug discovery'
2 water water
#
_entity_poly.entity_id   1
_entity_poly.type   'polypeptide(L)'
_entity_poly.pdbx_seq_one_letter_code
;QVQLVESGGGLVKPGASLKLSCKASGYTFTSYGMHWVRQAPGKGLEWMGGIIPIFGTANYNEKVKGRFTISRDKSKSTAY
LQLSSLTSEDTAVYYCARAPGYSNAYYFDYWGQGTLVTVGGGSGGGGSGGGGSDIVMTQSPASLSASLGERVTITCRASE
GIYHWLAWYQQKPGQSPKLLIYKASSLASGVPSRFSGSGSGTDFTLTISSLEPEDFATYYCQQYSNYPLTFGGGTKLEIK
;
_entity_poly.pdbx_strand_id   B
#
# COMPACT_ATOMS: atom_id res chain seq x y z
N GLN A 1 -10.95 8.19 -15.34
CA GLN A 1 -11.62 7.36 -14.35
C GLN A 1 -10.85 6.04 -14.12
N VAL A 2 -9.78 6.09 -13.28
CA VAL A 2 -8.98 4.89 -12.96
C VAL A 2 -9.81 3.99 -12.05
N GLN A 3 -9.92 2.70 -12.41
CA GLN A 3 -10.66 1.71 -11.62
C GLN A 3 -9.89 0.40 -11.56
N LEU A 4 -9.72 -0.14 -10.35
CA LEU A 4 -9.07 -1.42 -10.11
C LEU A 4 -10.08 -2.28 -9.36
N VAL A 5 -10.51 -3.40 -9.93
CA VAL A 5 -11.53 -4.25 -9.27
C VAL A 5 -10.96 -5.62 -9.02
N GLU A 6 -10.77 -5.98 -7.73
CA GLU A 6 -10.27 -7.30 -7.30
C GLU A 6 -11.44 -8.28 -7.13
N SER A 7 -11.19 -9.57 -7.36
CA SER A 7 -12.23 -10.58 -7.14
C SER A 7 -11.57 -11.90 -6.82
N GLY A 8 -12.36 -12.84 -6.30
CA GLY A 8 -11.87 -14.20 -6.06
C GLY A 8 -11.57 -14.55 -4.63
N GLY A 9 -11.86 -13.64 -3.72
CA GLY A 9 -11.63 -13.89 -2.31
C GLY A 9 -12.70 -14.82 -1.76
N GLY A 10 -12.52 -15.25 -0.53
CA GLY A 10 -13.46 -16.15 0.13
C GLY A 10 -12.92 -16.80 1.39
N LEU A 11 -13.74 -17.69 1.96
CA LEU A 11 -13.45 -18.44 3.17
C LEU A 11 -12.96 -19.80 2.77
N VAL A 12 -11.72 -20.11 3.14
CA VAL A 12 -11.07 -21.36 2.78
C VAL A 12 -10.47 -22.04 4.01
N LYS A 13 -10.11 -23.30 3.85
CA LYS A 13 -9.52 -24.16 4.87
C LYS A 13 -7.98 -24.13 4.75
N PRO A 14 -7.21 -24.48 5.80
CA PRO A 14 -5.74 -24.57 5.65
C PRO A 14 -5.32 -25.51 4.51
N GLY A 15 -4.25 -25.15 3.81
CA GLY A 15 -3.70 -25.91 2.70
C GLY A 15 -4.33 -25.63 1.35
N ALA A 16 -5.42 -24.84 1.34
CA ALA A 16 -6.11 -24.49 0.09
C ALA A 16 -5.31 -23.54 -0.82
N SER A 17 -5.71 -23.50 -2.10
CA SER A 17 -5.21 -22.62 -3.14
C SER A 17 -6.38 -21.71 -3.53
N LEU A 18 -6.08 -20.45 -3.91
CA LEU A 18 -7.10 -19.46 -4.25
C LEU A 18 -6.46 -18.51 -5.25
N LYS A 19 -7.13 -18.24 -6.38
CA LYS A 19 -6.62 -17.31 -7.36
C LYS A 19 -7.38 -15.98 -7.32
N LEU A 20 -6.67 -14.86 -7.11
CA LEU A 20 -7.29 -13.54 -7.10
C LEU A 20 -7.10 -12.88 -8.43
N SER A 21 -8.04 -12.03 -8.82
CA SER A 21 -7.99 -11.34 -10.10
C SER A 21 -8.11 -9.86 -9.86
N CYS A 22 -7.43 -9.04 -10.65
CA CYS A 22 -7.53 -7.58 -10.54
C CYS A 22 -7.74 -7.00 -11.93
N LYS A 23 -8.95 -6.50 -12.18
CA LYS A 23 -9.34 -5.92 -13.46
C LYS A 23 -9.13 -4.44 -13.49
N ALA A 24 -8.20 -3.98 -14.35
CA ALA A 24 -7.88 -2.57 -14.52
C ALA A 24 -8.62 -1.98 -15.72
N SER A 25 -9.14 -0.77 -15.54
CA SER A 25 -9.85 -0.07 -16.59
C SER A 25 -9.70 1.44 -16.37
N GLY A 26 -9.87 2.22 -17.45
CA GLY A 26 -9.78 3.67 -17.39
C GLY A 26 -8.41 4.25 -17.66
N TYR A 27 -7.46 3.40 -18.06
CA TYR A 27 -6.07 3.77 -18.39
C TYR A 27 -5.49 2.62 -19.19
N THR A 28 -4.30 2.80 -19.77
CA THR A 28 -3.61 1.77 -20.52
C THR A 28 -2.82 0.89 -19.54
N PHE A 29 -3.32 -0.35 -19.34
CA PHE A 29 -2.81 -1.37 -18.41
C PHE A 29 -1.31 -1.62 -18.48
N THR A 30 -0.74 -1.68 -19.68
CA THR A 30 0.68 -1.98 -19.94
C THR A 30 1.65 -0.82 -19.65
N SER A 31 1.11 0.40 -19.44
CA SER A 31 1.93 1.58 -19.11
C SER A 31 2.26 1.66 -17.60
N TYR A 32 1.66 0.80 -16.76
CA TYR A 32 1.85 0.88 -15.31
C TYR A 32 2.07 -0.47 -14.68
N GLY A 33 2.75 -0.49 -13.54
CA GLY A 33 2.99 -1.69 -12.77
C GLY A 33 1.77 -2.06 -11.95
N MET A 34 1.67 -3.34 -11.53
CA MET A 34 0.56 -3.86 -10.75
C MET A 34 1.08 -4.63 -9.56
N HIS A 35 0.70 -4.19 -8.36
CA HIS A 35 1.16 -4.86 -7.12
C HIS A 35 0.00 -5.41 -6.34
N TRP A 36 0.33 -6.30 -5.40
CA TRP A 36 -0.60 -6.86 -4.46
C TRP A 36 -0.05 -6.54 -3.11
N VAL A 37 -0.89 -5.88 -2.28
CA VAL A 37 -0.56 -5.53 -0.91
C VAL A 37 -1.71 -6.08 -0.03
N ARG A 38 -1.40 -6.80 1.06
CA ARG A 38 -2.46 -7.27 1.93
C ARG A 38 -2.48 -6.51 3.24
N GLN A 39 -3.65 -6.45 3.89
CA GLN A 39 -3.84 -5.79 5.17
C GLN A 39 -4.70 -6.62 6.09
N ALA A 40 -4.29 -6.74 7.34
CA ALA A 40 -5.06 -7.42 8.40
C ALA A 40 -4.79 -6.69 9.72
N PRO A 41 -5.70 -6.75 10.73
CA PRO A 41 -5.41 -6.08 12.01
C PRO A 41 -4.24 -6.73 12.75
N GLY A 42 -3.35 -5.89 13.27
CA GLY A 42 -2.16 -6.34 13.99
C GLY A 42 -1.04 -6.84 13.10
N LYS A 43 -1.27 -6.88 11.78
CA LYS A 43 -0.29 -7.31 10.80
C LYS A 43 0.09 -6.14 9.88
N GLY A 44 -0.75 -5.09 9.89
CA GLY A 44 -0.59 -3.90 9.06
C GLY A 44 -0.62 -4.23 7.58
N LEU A 45 -0.04 -3.32 6.77
CA LEU A 45 0.11 -3.46 5.33
C LEU A 45 1.37 -4.25 5.01
N GLU A 46 1.25 -5.20 4.09
CA GLU A 46 2.33 -6.09 3.73
C GLU A 46 2.36 -6.29 2.23
N TRP A 47 3.49 -5.89 1.63
CA TRP A 47 3.67 -6.02 0.19
C TRP A 47 3.89 -7.49 -0.19
N MET A 48 3.14 -8.00 -1.19
CA MET A 48 3.24 -9.40 -1.64
C MET A 48 4.20 -9.46 -2.84
N GLY A 49 4.00 -8.54 -3.75
CA GLY A 49 4.87 -8.44 -4.90
C GLY A 49 4.21 -7.59 -5.93
N GLY A 50 4.92 -7.37 -7.01
CA GLY A 50 4.42 -6.59 -8.12
C GLY A 50 4.90 -7.12 -9.45
N ILE A 51 4.24 -6.69 -10.52
CA ILE A 51 4.57 -7.12 -11.87
C ILE A 51 4.55 -5.94 -12.81
N ILE A 52 5.47 -5.95 -13.79
CA ILE A 52 5.50 -4.93 -14.82
C ILE A 52 4.84 -5.63 -16.03
N PRO A 53 3.56 -5.30 -16.34
CA PRO A 53 2.82 -6.00 -17.42
C PRO A 53 3.45 -6.05 -18.81
N ILE A 54 4.18 -5.01 -19.30
CA ILE A 54 4.80 -5.10 -20.65
C ILE A 54 5.93 -6.09 -20.67
N PHE A 55 6.68 -6.26 -19.56
CA PHE A 55 7.81 -7.17 -19.51
C PHE A 55 7.48 -8.54 -18.91
N GLY A 56 6.33 -8.61 -18.19
CA GLY A 56 5.89 -9.80 -17.47
C GLY A 56 6.80 -10.18 -16.34
N THR A 57 7.67 -9.24 -15.90
CA THR A 57 8.64 -9.45 -14.81
C THR A 57 8.02 -9.11 -13.45
N ALA A 58 8.37 -9.91 -12.43
CA ALA A 58 7.81 -9.77 -11.12
C ALA A 58 8.85 -9.85 -10.04
N ASN A 59 8.60 -9.19 -8.90
CA ASN A 59 9.44 -9.22 -7.71
C ASN A 59 8.51 -9.54 -6.58
N TYR A 60 8.99 -10.30 -5.59
CA TYR A 60 8.18 -10.79 -4.50
C TYR A 60 8.76 -10.47 -3.20
N ASN A 61 7.92 -10.49 -2.18
CA ASN A 61 8.39 -10.40 -0.83
C ASN A 61 8.86 -11.87 -0.53
N GLU A 62 10.11 -12.02 -0.08
CA GLU A 62 10.74 -13.32 0.20
C GLU A 62 9.88 -14.20 1.10
N LYS A 63 9.08 -13.58 1.99
CA LYS A 63 8.20 -14.34 2.90
C LYS A 63 7.06 -15.10 2.17
N VAL A 64 6.76 -14.79 0.88
CA VAL A 64 5.72 -15.50 0.11
C VAL A 64 6.21 -15.99 -1.29
N LYS A 65 7.43 -15.59 -1.71
CA LYS A 65 8.06 -15.98 -2.98
C LYS A 65 8.00 -17.52 -3.14
N GLY A 66 7.56 -17.97 -4.31
CA GLY A 66 7.40 -19.40 -4.61
C GLY A 66 6.04 -19.95 -4.21
N ARG A 67 5.49 -19.52 -3.02
CA ARG A 67 4.17 -19.91 -2.53
C ARG A 67 3.09 -19.14 -3.30
N PHE A 68 3.25 -17.81 -3.44
CA PHE A 68 2.32 -16.95 -4.18
C PHE A 68 2.93 -16.64 -5.53
N THR A 69 2.11 -16.52 -6.56
CA THR A 69 2.59 -16.25 -7.91
C THR A 69 1.77 -15.14 -8.52
N ILE A 70 2.44 -14.10 -9.05
CA ILE A 70 1.75 -13.02 -9.73
C ILE A 70 1.88 -13.25 -11.22
N SER A 71 0.86 -12.90 -11.98
CA SER A 71 0.86 -13.05 -13.42
C SER A 71 -0.02 -11.97 -13.93
N ARG A 72 -0.11 -11.85 -15.26
CA ARG A 72 -0.92 -10.83 -15.90
C ARG A 72 -1.44 -11.36 -17.22
N ASP A 73 -2.46 -10.70 -17.75
CA ASP A 73 -3.03 -11.01 -19.05
C ASP A 73 -3.26 -9.65 -19.66
N LYS A 74 -2.37 -9.22 -20.56
CA LYS A 74 -2.41 -7.88 -21.17
C LYS A 74 -3.69 -7.63 -21.97
N SER A 75 -4.18 -8.65 -22.72
CA SER A 75 -5.43 -8.54 -23.49
C SER A 75 -6.64 -8.39 -22.57
N LYS A 76 -6.58 -9.01 -21.37
CA LYS A 76 -7.66 -8.93 -20.39
C LYS A 76 -7.56 -7.70 -19.47
N SER A 77 -6.34 -7.05 -19.41
CA SER A 77 -6.02 -5.90 -18.53
C SER A 77 -6.21 -6.40 -17.11
N THR A 78 -5.60 -7.55 -16.80
CA THR A 78 -5.83 -8.18 -15.51
C THR A 78 -4.57 -8.72 -14.92
N ALA A 79 -4.38 -8.49 -13.62
CA ALA A 79 -3.25 -9.04 -12.89
C ALA A 79 -3.85 -10.11 -12.00
N TYR A 80 -3.06 -11.13 -11.65
CA TYR A 80 -3.54 -12.23 -10.84
C TYR A 80 -2.61 -12.47 -9.72
N LEU A 81 -3.12 -13.01 -8.63
CA LEU A 81 -2.33 -13.43 -7.50
C LEU A 81 -2.80 -14.83 -7.15
N GLN A 82 -1.92 -15.81 -7.34
CA GLN A 82 -2.21 -17.22 -7.06
C GLN A 82 -1.71 -17.52 -5.69
N LEU A 83 -2.62 -17.83 -4.77
CA LEU A 83 -2.28 -18.22 -3.41
C LEU A 83 -2.23 -19.74 -3.34
N SER A 84 -1.32 -20.28 -2.51
CA SER A 84 -1.09 -21.71 -2.30
C SER A 84 -0.72 -21.94 -0.87
N SER A 85 -0.92 -23.19 -0.39
CA SER A 85 -0.63 -23.65 0.96
C SER A 85 -1.04 -22.63 2.03
N LEU A 86 -2.26 -22.11 1.88
CA LEU A 86 -2.85 -21.09 2.74
C LEU A 86 -2.97 -21.50 4.18
N THR A 87 -2.61 -20.57 5.05
CA THR A 87 -2.62 -20.76 6.49
C THR A 87 -3.38 -19.62 7.12
N SER A 88 -3.73 -19.78 8.40
CA SER A 88 -4.40 -18.82 9.25
C SER A 88 -3.73 -17.41 9.15
N GLU A 89 -2.38 -17.39 8.98
CA GLU A 89 -1.54 -16.18 8.87
C GLU A 89 -1.80 -15.35 7.62
N ASP A 90 -2.34 -15.98 6.55
CA ASP A 90 -2.69 -15.35 5.29
C ASP A 90 -4.08 -14.67 5.26
N THR A 91 -4.82 -14.68 6.41
CA THR A 91 -6.11 -14.02 6.50
C THR A 91 -5.88 -12.53 6.34
N ALA A 92 -6.48 -11.88 5.31
CA ALA A 92 -6.29 -10.44 5.08
C ALA A 92 -7.17 -9.92 3.98
N VAL A 93 -7.25 -8.60 3.87
CA VAL A 93 -7.86 -7.98 2.71
C VAL A 93 -6.67 -7.86 1.70
N TYR A 94 -6.86 -8.36 0.49
CA TYR A 94 -5.86 -8.30 -0.57
C TYR A 94 -6.22 -7.23 -1.56
N TYR A 95 -5.35 -6.18 -1.63
CA TYR A 95 -5.53 -5.08 -2.56
C TYR A 95 -4.62 -5.21 -3.75
N CYS A 96 -5.10 -4.75 -4.92
CA CYS A 96 -4.19 -4.60 -6.03
C CYS A 96 -4.00 -3.07 -6.13
N ALA A 97 -2.77 -2.64 -6.40
CA ALA A 97 -2.42 -1.24 -6.40
C ALA A 97 -1.54 -0.93 -7.58
N ARG A 98 -1.82 0.19 -8.23
CA ARG A 98 -1.09 0.60 -9.41
C ARG A 98 0.19 1.39 -9.06
N ALA A 99 1.33 1.06 -9.71
CA ALA A 99 2.61 1.76 -9.55
C ALA A 99 2.86 2.63 -10.79
N PRO A 100 3.04 3.96 -10.66
CA PRO A 100 3.23 4.79 -11.87
C PRO A 100 4.66 4.79 -12.47
N GLY A 101 5.12 3.63 -12.92
CA GLY A 101 6.43 3.47 -13.53
C GLY A 101 6.74 2.06 -14.00
N TYR A 102 7.99 1.83 -14.51
CA TYR A 102 8.46 0.52 -14.99
C TYR A 102 9.46 -0.13 -14.06
N SER A 103 9.27 0.07 -12.76
CA SER A 103 10.06 -0.57 -11.70
C SER A 103 9.07 -1.16 -10.65
N ASN A 104 9.44 -2.31 -10.04
CA ASN A 104 8.65 -2.95 -8.98
C ASN A 104 9.05 -2.40 -7.60
N ALA A 105 10.06 -1.51 -7.55
CA ALA A 105 10.49 -0.84 -6.31
C ALA A 105 9.87 0.54 -6.41
N TYR A 106 8.57 0.64 -6.04
CA TYR A 106 7.85 1.90 -6.19
C TYR A 106 6.69 2.15 -5.20
N TYR A 107 6.05 3.30 -5.36
CA TYR A 107 4.88 3.73 -4.60
C TYR A 107 3.64 3.50 -5.45
N PHE A 108 2.46 3.53 -4.83
CA PHE A 108 1.22 3.24 -5.55
C PHE A 108 0.29 4.42 -5.62
N ASP A 109 -0.11 4.80 -6.84
CA ASP A 109 -0.97 5.97 -7.02
C ASP A 109 -2.48 5.64 -6.93
N TYR A 110 -2.88 4.36 -7.09
CA TYR A 110 -4.28 3.95 -7.02
C TYR A 110 -4.40 2.59 -6.40
N TRP A 111 -5.38 2.40 -5.52
CA TRP A 111 -5.59 1.13 -4.85
C TRP A 111 -6.98 0.65 -5.20
N GLY A 112 -7.17 -0.66 -5.24
CA GLY A 112 -8.49 -1.22 -5.50
C GLY A 112 -9.33 -1.20 -4.24
N GLN A 113 -10.47 -1.85 -4.26
CA GLN A 113 -11.35 -1.91 -3.09
C GLN A 113 -10.97 -3.07 -2.15
N GLY A 114 -10.16 -4.00 -2.63
CA GLY A 114 -9.74 -5.12 -1.83
C GLY A 114 -10.69 -6.29 -1.90
N THR A 115 -10.13 -7.48 -1.72
CA THR A 115 -10.87 -8.74 -1.73
C THR A 115 -10.41 -9.50 -0.51
N LEU A 116 -11.37 -9.87 0.36
CA LEU A 116 -11.11 -10.59 1.59
C LEU A 116 -10.80 -12.06 1.39
N VAL A 117 -9.68 -12.50 1.97
CA VAL A 117 -9.26 -13.89 1.96
C VAL A 117 -9.18 -14.31 3.41
N THR A 118 -9.94 -15.36 3.78
CA THR A 118 -9.96 -15.84 5.16
C THR A 118 -9.68 -17.32 5.16
N VAL A 119 -8.75 -17.74 6.02
CA VAL A 119 -8.34 -19.14 6.16
C VAL A 119 -8.65 -19.57 7.59
N GLY A 120 -9.53 -20.57 7.75
CA GLY A 120 -9.95 -21.07 9.06
C GLY A 120 -10.29 -22.54 9.07
N SER A 133 17.69 -7.98 7.32
CA SER A 133 17.96 -7.25 6.08
C SER A 133 16.70 -6.53 5.48
N ASP A 134 15.54 -6.60 6.15
CA ASP A 134 14.34 -5.87 5.67
C ASP A 134 14.39 -4.44 6.26
N ILE A 135 14.09 -3.41 5.47
CA ILE A 135 14.04 -2.04 6.02
C ILE A 135 12.75 -1.95 6.85
N VAL A 136 12.91 -1.68 8.15
CA VAL A 136 11.82 -1.59 9.13
C VAL A 136 11.36 -0.15 9.17
N MET A 137 10.06 0.07 8.92
CA MET A 137 9.45 1.40 8.93
C MET A 137 8.65 1.50 10.18
N THR A 138 8.94 2.51 10.99
CA THR A 138 8.26 2.65 12.26
C THR A 138 7.62 4.00 12.35
N GLN A 139 6.36 4.00 12.75
CA GLN A 139 5.54 5.19 12.87
C GLN A 139 5.17 5.47 14.28
N SER A 140 5.20 6.73 14.62
CA SER A 140 4.84 7.15 15.95
C SER A 140 4.21 8.53 15.87
N PRO A 141 3.22 8.83 16.72
CA PRO A 141 2.62 7.94 17.73
C PRO A 141 1.68 6.93 17.06
N ALA A 142 1.34 5.83 17.74
CA ALA A 142 0.44 4.85 17.14
C ALA A 142 -0.95 5.47 16.96
N SER A 143 -1.36 6.28 17.92
CA SER A 143 -2.63 7.00 17.87
C SER A 143 -2.40 8.37 18.43
N LEU A 144 -3.13 9.34 17.90
CA LEU A 144 -3.05 10.73 18.31
C LEU A 144 -4.43 11.35 18.20
N SER A 145 -4.89 11.95 19.29
CA SER A 145 -6.16 12.65 19.34
C SER A 145 -5.85 14.11 19.08
N ALA A 146 -6.69 14.76 18.28
CA ALA A 146 -6.48 16.16 17.91
C ALA A 146 -7.82 16.79 17.61
N SER A 147 -7.89 18.13 17.67
CA SER A 147 -9.15 18.80 17.37
C SER A 147 -9.03 19.64 16.10
N LEU A 148 -10.18 20.00 15.52
CA LEU A 148 -10.27 20.74 14.27
C LEU A 148 -9.53 22.07 14.27
N GLY A 149 -8.95 22.42 13.13
CA GLY A 149 -8.15 23.63 12.94
C GLY A 149 -6.76 23.59 13.57
N GLU A 150 -6.40 22.46 14.18
CA GLU A 150 -5.08 22.26 14.79
C GLU A 150 -4.06 21.79 13.74
N ARG A 151 -2.79 22.11 13.98
CA ARG A 151 -1.65 21.66 13.21
C ARG A 151 -1.21 20.33 13.84
N VAL A 152 -0.90 19.31 13.00
CA VAL A 152 -0.45 18.00 13.47
C VAL A 152 0.70 17.51 12.64
N THR A 153 1.69 16.93 13.30
CA THR A 153 2.86 16.32 12.70
C THR A 153 2.95 14.91 13.21
N ILE A 154 3.17 13.97 12.28
CA ILE A 154 3.34 12.56 12.61
C ILE A 154 4.68 12.11 12.04
N THR A 155 5.26 11.06 12.60
CA THR A 155 6.61 10.70 12.17
C THR A 155 6.73 9.34 11.53
N CYS A 156 7.79 9.16 10.75
CA CYS A 156 8.07 7.87 10.12
C CYS A 156 9.58 7.74 10.13
N ARG A 157 10.08 6.60 10.64
CA ARG A 157 11.50 6.32 10.69
C ARG A 157 11.86 5.07 9.92
N ALA A 158 12.91 5.16 9.09
CA ALA A 158 13.44 4.01 8.34
C ALA A 158 14.60 3.48 9.18
N SER A 159 14.73 2.14 9.27
CA SER A 159 15.78 1.44 10.04
C SER A 159 17.18 1.68 9.43
N GLU A 160 17.22 2.08 8.15
CA GLU A 160 18.43 2.43 7.41
C GLU A 160 18.09 3.48 6.33
N GLY A 161 19.11 4.19 5.84
CA GLY A 161 18.99 5.26 4.85
C GLY A 161 18.19 4.92 3.61
N ILE A 162 17.18 5.75 3.27
CA ILE A 162 16.32 5.51 2.10
C ILE A 162 16.25 6.72 1.19
N TYR A 163 17.19 7.69 1.38
CA TYR A 163 17.25 8.92 0.58
C TYR A 163 15.90 9.61 0.75
N HIS A 164 15.16 9.93 -0.33
CA HIS A 164 13.80 10.48 -0.26
C HIS A 164 12.74 9.50 -0.86
N TRP A 165 13.02 8.18 -0.89
CA TRP A 165 12.09 7.22 -1.50
C TRP A 165 11.05 6.77 -0.48
N LEU A 166 10.15 7.70 -0.15
CA LEU A 166 9.11 7.50 0.85
C LEU A 166 7.78 8.07 0.39
N ALA A 167 6.70 7.30 0.62
CA ALA A 167 5.36 7.69 0.26
C ALA A 167 4.50 7.68 1.48
N TRP A 168 3.48 8.55 1.50
CA TRP A 168 2.52 8.64 2.58
C TRP A 168 1.17 8.32 2.00
N TYR A 169 0.39 7.51 2.72
CA TYR A 169 -0.97 7.14 2.33
C TYR A 169 -1.94 7.49 3.43
N GLN A 170 -3.15 7.91 3.03
CA GLN A 170 -4.26 8.12 3.94
C GLN A 170 -5.25 6.97 3.75
N GLN A 171 -5.80 6.44 4.84
CA GLN A 171 -6.86 5.40 4.81
C GLN A 171 -7.96 5.79 5.80
N LYS A 172 -9.15 6.10 5.25
CA LYS A 172 -10.37 6.40 6.02
C LYS A 172 -11.05 5.05 6.32
N PRO A 173 -11.86 4.87 7.39
CA PRO A 173 -12.37 3.53 7.69
C PRO A 173 -13.32 2.99 6.62
N GLY A 174 -13.26 1.68 6.38
CA GLY A 174 -14.02 1.02 5.33
C GLY A 174 -13.50 1.25 3.91
N GLN A 175 -12.54 2.19 3.73
CA GLN A 175 -11.96 2.54 2.43
C GLN A 175 -10.53 1.97 2.22
N SER A 176 -10.08 1.95 0.97
CA SER A 176 -8.71 1.50 0.65
C SER A 176 -7.75 2.69 0.86
N PRO A 177 -6.41 2.48 0.99
CA PRO A 177 -5.50 3.64 1.10
C PRO A 177 -5.52 4.52 -0.14
N LYS A 178 -5.14 5.78 0.04
CA LYS A 178 -5.02 6.76 -1.03
C LYS A 178 -3.67 7.43 -0.90
N LEU A 179 -2.99 7.66 -2.02
CA LEU A 179 -1.69 8.32 -2.02
C LEU A 179 -1.81 9.80 -1.64
N LEU A 180 -0.99 10.26 -0.70
CA LEU A 180 -0.94 11.67 -0.32
C LEU A 180 0.32 12.29 -0.88
N ILE A 181 1.46 11.69 -0.56
CA ILE A 181 2.79 12.17 -0.89
C ILE A 181 3.68 11.04 -1.38
N TYR A 182 4.60 11.33 -2.28
CA TYR A 182 5.62 10.41 -2.79
C TYR A 182 6.92 11.23 -2.80
N LYS A 183 8.08 10.56 -2.96
CA LYS A 183 9.38 11.24 -2.96
C LYS A 183 9.51 12.14 -1.70
N ALA A 184 8.99 11.67 -0.53
CA ALA A 184 9.05 12.33 0.79
C ALA A 184 8.31 13.67 0.95
N SER A 185 8.28 14.52 -0.10
CA SER A 185 7.71 15.87 -0.03
C SER A 185 6.86 16.27 -1.25
N SER A 186 6.75 15.39 -2.25
CA SER A 186 5.92 15.69 -3.42
C SER A 186 4.46 15.35 -3.16
N LEU A 187 3.61 16.35 -3.25
CA LEU A 187 2.19 16.21 -2.97
C LEU A 187 1.51 15.59 -4.18
N ALA A 188 0.71 14.53 -3.98
CA ALA A 188 0.01 13.84 -5.07
C ALA A 188 -1.08 14.75 -5.65
N SER A 189 -1.34 14.68 -6.97
CA SER A 189 -2.32 15.57 -7.63
C SER A 189 -3.72 15.43 -7.02
N GLY A 190 -4.34 16.57 -6.74
CA GLY A 190 -5.66 16.63 -6.12
C GLY A 190 -5.67 16.59 -4.59
N VAL A 191 -4.48 16.43 -3.97
CA VAL A 191 -4.34 16.40 -2.52
C VAL A 191 -4.35 17.85 -1.96
N PRO A 192 -5.16 18.18 -0.91
CA PRO A 192 -5.17 19.55 -0.37
C PRO A 192 -3.79 20.07 0.03
N SER A 193 -3.60 21.42 -0.07
CA SER A 193 -2.36 22.14 0.23
C SER A 193 -1.97 22.12 1.72
N ARG A 194 -2.92 21.77 2.61
CA ARG A 194 -2.70 21.70 4.06
C ARG A 194 -1.77 20.51 4.48
N PHE A 195 -1.60 19.53 3.59
CA PHE A 195 -0.69 18.39 3.76
C PHE A 195 0.68 18.74 3.21
N SER A 196 1.71 18.43 4.00
CA SER A 196 3.12 18.57 3.65
C SER A 196 3.90 17.39 4.23
N GLY A 197 4.98 17.03 3.58
CA GLY A 197 5.86 15.98 4.03
C GLY A 197 7.27 16.52 3.93
N SER A 198 8.16 16.10 4.83
CA SER A 198 9.57 16.50 4.79
C SER A 198 10.45 15.37 5.32
N GLY A 199 11.75 15.48 5.11
CA GLY A 199 12.71 14.48 5.56
C GLY A 199 13.51 13.85 4.46
N SER A 200 14.58 13.17 4.85
CA SER A 200 15.48 12.47 3.94
C SER A 200 16.28 11.57 4.80
N GLY A 201 16.90 10.55 4.23
CA GLY A 201 17.71 9.64 5.03
C GLY A 201 16.87 8.61 5.72
N THR A 202 16.73 8.73 7.04
CA THR A 202 15.95 7.82 7.86
C THR A 202 14.77 8.50 8.58
N ASP A 203 14.75 9.86 8.65
CA ASP A 203 13.82 10.68 9.44
C ASP A 203 12.84 11.47 8.59
N PHE A 204 11.54 11.16 8.73
CA PHE A 204 10.49 11.70 7.90
C PHE A 204 9.30 12.18 8.70
N THR A 205 8.61 13.19 8.20
CA THR A 205 7.43 13.67 8.91
C THR A 205 6.33 14.03 7.91
N LEU A 206 5.08 13.91 8.36
CA LEU A 206 3.93 14.34 7.59
C LEU A 206 3.23 15.40 8.46
N THR A 207 2.90 16.57 7.90
CA THR A 207 2.20 17.62 8.63
C THR A 207 0.93 18.04 7.92
N ILE A 208 -0.15 18.23 8.71
CA ILE A 208 -1.44 18.79 8.30
C ILE A 208 -1.50 20.13 9.06
N SER A 209 -1.39 21.25 8.35
CA SER A 209 -1.34 22.60 8.92
C SER A 209 -2.61 23.05 9.64
N SER A 210 -3.80 22.49 9.28
CA SER A 210 -5.08 22.84 9.91
C SER A 210 -6.12 21.75 9.65
N LEU A 211 -6.31 20.84 10.61
CA LEU A 211 -7.25 19.72 10.51
C LEU A 211 -8.68 20.06 10.08
N GLU A 212 -9.16 19.29 9.11
CA GLU A 212 -10.51 19.35 8.56
C GLU A 212 -11.15 18.01 8.96
N PRO A 213 -12.50 17.86 9.01
CA PRO A 213 -13.10 16.60 9.50
C PRO A 213 -12.74 15.35 8.69
N GLU A 214 -12.44 15.55 7.40
CA GLU A 214 -12.08 14.49 6.46
C GLU A 214 -10.67 13.92 6.77
N ASP A 215 -9.83 14.69 7.50
CA ASP A 215 -8.46 14.33 7.86
C ASP A 215 -8.36 13.31 9.00
N PHE A 216 -9.49 12.96 9.63
CA PHE A 216 -9.48 11.96 10.69
C PHE A 216 -9.46 10.62 9.99
N ALA A 217 -8.30 9.97 10.07
CA ALA A 217 -8.00 8.75 9.33
C ALA A 217 -6.73 8.13 9.88
N THR A 218 -6.32 6.99 9.28
CA THR A 218 -5.06 6.32 9.57
C THR A 218 -4.09 6.67 8.45
N TYR A 219 -2.87 7.03 8.83
CA TYR A 219 -1.82 7.42 7.91
C TYR A 219 -0.68 6.43 7.95
N TYR A 220 -0.23 5.98 6.77
CA TYR A 220 0.86 5.02 6.60
C TYR A 220 2.00 5.61 5.80
N CYS A 221 3.20 5.23 6.16
CA CYS A 221 4.33 5.60 5.34
C CYS A 221 4.82 4.28 4.66
N GLN A 222 5.51 4.37 3.54
CA GLN A 222 6.05 3.24 2.80
C GLN A 222 7.39 3.61 2.12
N GLN A 223 8.44 2.80 2.33
CA GLN A 223 9.67 3.02 1.60
C GLN A 223 9.63 2.25 0.30
N TYR A 224 10.25 2.83 -0.72
CA TYR A 224 10.42 2.17 -2.00
C TYR A 224 11.89 2.27 -2.49
N SER A 225 12.83 2.20 -1.54
CA SER A 225 14.29 2.27 -1.82
C SER A 225 14.83 0.88 -2.17
N ASN A 226 14.52 -0.12 -1.36
CA ASN A 226 14.95 -1.51 -1.58
C ASN A 226 13.80 -2.50 -1.49
N TYR A 227 14.06 -3.77 -1.90
CA TYR A 227 13.13 -4.86 -1.79
C TYR A 227 13.42 -5.55 -0.47
N PRO A 228 12.38 -6.10 0.20
CA PRO A 228 10.95 -5.96 -0.13
C PRO A 228 10.46 -4.53 0.16
N LEU A 229 9.42 -4.09 -0.53
CA LEU A 229 8.76 -2.81 -0.20
C LEU A 229 8.13 -3.01 1.19
N THR A 230 8.34 -2.05 2.09
CA THR A 230 7.82 -2.13 3.45
C THR A 230 7.05 -0.89 3.86
N PHE A 231 6.06 -1.09 4.73
CA PHE A 231 5.19 -0.04 5.25
C PHE A 231 5.40 0.13 6.74
N GLY A 232 5.15 1.35 7.23
CA GLY A 232 5.09 1.60 8.67
C GLY A 232 3.79 1.01 9.20
N GLY A 233 3.68 0.88 10.52
CA GLY A 233 2.49 0.30 11.14
C GLY A 233 1.26 1.18 11.24
N GLY A 234 1.38 2.46 10.87
CA GLY A 234 0.27 3.40 10.88
C GLY A 234 0.11 4.24 12.14
N THR A 235 -0.48 5.44 11.94
CA THR A 235 -0.83 6.42 12.96
C THR A 235 -2.31 6.76 12.76
N LYS A 236 -3.16 6.46 13.77
CA LYS A 236 -4.58 6.80 13.69
C LYS A 236 -4.77 8.17 14.31
N LEU A 237 -5.26 9.10 13.50
CA LEU A 237 -5.53 10.46 13.89
C LEU A 237 -7.04 10.56 14.14
N GLU A 238 -7.45 10.78 15.41
CA GLU A 238 -8.88 10.81 15.79
C GLU A 238 -9.34 12.12 16.44
N ILE A 239 -10.63 12.44 16.31
CA ILE A 239 -11.23 13.69 16.82
C ILE A 239 -11.19 13.76 18.36
N LYS A 240 -10.86 14.98 18.88
CA LYS A 240 -10.73 15.43 20.28
C LYS A 240 -10.25 14.34 21.24
#